data_1NHK
#
_entry.id   1NHK
#
_cell.length_a   63.600
_cell.length_b   63.600
_cell.length_c   158.300
_cell.angle_alpha   90.00
_cell.angle_beta   90.00
_cell.angle_gamma   90.00
#
_symmetry.space_group_name_H-M   'P 43 21 2'
#
loop_
_entity.id
_entity.type
_entity.pdbx_description
1 polymer 'NUCLEOSIDE DIPHOSPHATE KINASE'
2 non-polymer "ADENOSINE-3',5'-CYCLIC-MONOPHOSPHATE"
3 water water
#
_entity_poly.entity_id   1
_entity_poly.type   'polypeptide(L)'
_entity_poly.pdbx_seq_one_letter_code
;AIERTLSIIKPDGLEKGVIGKIISRFEEKGLKPVAIRLQHLSQAQAEGFYAVHKARPFFKDLVQFMISGPVVLMVLEGEN
AVLANRDIMGATNPAQAAEGTIRKDFATSIDKNTVHGSDSLENAKIEIAYFFRETEIHSYPYQK
;
_entity_poly.pdbx_strand_id   R,L
#
loop_
_chem_comp.id
_chem_comp.type
_chem_comp.name
_chem_comp.formula
CMP non-polymer ADENOSINE-3',5'-CYCLIC-MONOPHOSPHATE 'C10 H12 N5 O6 P'
#
# COMPACT_ATOMS: atom_id res chain seq x y z
N ALA A 1 -14.53 2.51 -20.51
CA ALA A 1 -13.73 1.28 -20.52
C ALA A 1 -12.82 1.25 -19.29
N ILE A 2 -12.03 0.19 -19.18
CA ILE A 2 -11.10 0.04 -18.07
C ILE A 2 -9.94 1.01 -18.29
N GLU A 3 -9.68 1.85 -17.30
CA GLU A 3 -8.59 2.82 -17.40
C GLU A 3 -7.75 2.70 -16.15
N ARG A 4 -6.61 3.38 -16.18
CA ARG A 4 -5.69 3.43 -15.07
C ARG A 4 -5.45 4.90 -14.77
N THR A 5 -5.37 5.23 -13.48
CA THR A 5 -5.15 6.60 -13.08
C THR A 5 -4.20 6.60 -11.89
N LEU A 6 -3.54 7.73 -11.66
CA LEU A 6 -2.62 7.83 -10.54
C LEU A 6 -3.29 8.45 -9.32
N SER A 7 -2.94 7.90 -8.17
CA SER A 7 -3.41 8.37 -6.88
C SER A 7 -2.18 8.51 -5.97
N ILE A 8 -2.11 9.62 -5.23
CA ILE A 8 -1.02 9.83 -4.29
C ILE A 8 -1.61 10.16 -2.93
N ILE A 9 -1.19 9.44 -1.90
CA ILE A 9 -1.65 9.74 -0.56
C ILE A 9 -0.55 10.66 -0.05
N LYS A 10 -0.92 11.92 0.17
CA LYS A 10 -0.01 12.96 0.62
C LYS A 10 0.50 12.75 2.04
N PRO A 11 1.59 13.46 2.45
CA PRO A 11 2.16 13.29 3.78
C PRO A 11 1.19 13.32 4.97
N ASP A 12 0.19 14.19 4.91
CA ASP A 12 -0.80 14.29 5.99
C ASP A 12 -1.62 13.01 6.13
N GLY A 13 -1.80 12.27 5.03
CA GLY A 13 -2.55 11.03 5.08
C GLY A 13 -1.83 9.97 5.90
N LEU A 14 -0.51 9.89 5.73
CA LEU A 14 0.31 8.92 6.47
C LEU A 14 0.41 9.31 7.95
N GLU A 15 0.61 10.61 8.21
CA GLU A 15 0.70 11.12 9.58
C GLU A 15 -0.57 10.90 10.40
N LYS A 16 -1.73 10.87 9.76
CA LYS A 16 -2.99 10.62 10.46
C LYS A 16 -3.23 9.12 10.61
N GLY A 17 -2.35 8.31 10.02
CA GLY A 17 -2.48 6.87 10.10
C GLY A 17 -3.70 6.29 9.41
N VAL A 18 -4.09 6.89 8.29
CA VAL A 18 -5.26 6.41 7.56
C VAL A 18 -4.99 5.83 6.16
N ILE A 19 -3.80 5.30 5.94
CA ILE A 19 -3.46 4.70 4.64
C ILE A 19 -4.49 3.63 4.26
N GLY A 20 -4.77 2.73 5.20
CA GLY A 20 -5.72 1.64 4.98
C GLY A 20 -7.13 2.12 4.67
N LYS A 21 -7.61 3.10 5.43
CA LYS A 21 -8.95 3.65 5.22
C LYS A 21 -9.10 4.20 3.81
N ILE A 22 -8.09 4.93 3.36
CA ILE A 22 -8.12 5.52 2.03
C ILE A 22 -8.11 4.45 0.95
N ILE A 23 -7.21 3.47 1.07
CA ILE A 23 -7.16 2.40 0.08
C ILE A 23 -8.50 1.65 0.06
N SER A 24 -9.10 1.44 1.23
CA SER A 24 -10.41 0.78 1.30
C SER A 24 -11.49 1.57 0.53
N ARG A 25 -11.43 2.90 0.60
CA ARG A 25 -12.40 3.73 -0.12
C ARG A 25 -12.38 3.36 -1.61
N PHE A 26 -11.18 3.12 -2.14
CA PHE A 26 -11.02 2.77 -3.54
C PHE A 26 -11.48 1.36 -3.84
N GLU A 27 -11.01 0.42 -3.03
CA GLU A 27 -11.37 -0.97 -3.22
C GLU A 27 -12.88 -1.21 -3.19
N GLU A 28 -13.55 -0.58 -2.24
CA GLU A 28 -15.00 -0.72 -2.11
C GLU A 28 -15.74 -0.13 -3.28
N LYS A 29 -15.12 0.78 -4.02
CA LYS A 29 -15.75 1.39 -5.18
C LYS A 29 -15.38 0.70 -6.49
N GLY A 30 -14.60 -0.37 -6.40
CA GLY A 30 -14.20 -1.06 -7.61
C GLY A 30 -12.97 -0.49 -8.29
N LEU A 31 -12.24 0.39 -7.60
CA LEU A 31 -11.00 0.94 -8.14
C LEU A 31 -9.89 0.09 -7.53
N LYS A 32 -9.31 -0.78 -8.36
CA LYS A 32 -8.29 -1.74 -7.96
C LYS A 32 -6.86 -1.19 -7.93
N PRO A 33 -6.19 -1.26 -6.76
CA PRO A 33 -4.81 -0.76 -6.72
C PRO A 33 -3.94 -1.80 -7.44
N VAL A 34 -3.39 -1.43 -8.59
CA VAL A 34 -2.54 -2.35 -9.37
C VAL A 34 -1.05 -2.03 -9.27
N ALA A 35 -0.72 -0.97 -8.54
CA ALA A 35 0.68 -0.59 -8.31
C ALA A 35 0.62 0.24 -7.05
N ILE A 36 1.57 0.01 -6.14
CA ILE A 36 1.65 0.74 -4.88
C ILE A 36 3.13 0.83 -4.47
N ARG A 37 3.57 2.02 -4.06
CA ARG A 37 4.93 2.22 -3.59
C ARG A 37 5.03 3.41 -2.68
N LEU A 38 5.49 3.18 -1.46
CA LEU A 38 5.70 4.26 -0.51
C LEU A 38 7.08 4.83 -0.89
N GLN A 39 7.16 6.15 -1.00
CA GLN A 39 8.40 6.78 -1.40
C GLN A 39 8.51 8.16 -0.80
N HIS A 40 9.73 8.63 -0.57
CA HIS A 40 9.90 9.98 -0.07
C HIS A 40 10.43 10.76 -1.28
N LEU A 41 9.60 11.67 -1.78
CA LEU A 41 9.95 12.46 -2.95
C LEU A 41 11.06 13.47 -2.69
N SER A 42 11.91 13.67 -3.70
CA SER A 42 12.97 14.66 -3.59
C SER A 42 12.37 15.93 -4.19
N GLN A 43 13.00 17.07 -3.93
CA GLN A 43 12.51 18.33 -4.45
C GLN A 43 12.38 18.31 -5.97
N ALA A 44 13.36 17.73 -6.65
CA ALA A 44 13.34 17.65 -8.10
C ALA A 44 12.17 16.81 -8.62
N GLN A 45 11.85 15.72 -7.92
CA GLN A 45 10.75 14.86 -8.32
C GLN A 45 9.41 15.59 -8.18
N ALA A 46 9.22 16.28 -7.06
CA ALA A 46 7.98 17.01 -6.82
C ALA A 46 7.79 18.15 -7.82
N GLU A 47 8.87 18.91 -8.06
CA GLU A 47 8.82 20.03 -9.00
C GLU A 47 8.50 19.55 -10.39
N GLY A 48 9.11 18.43 -10.80
CA GLY A 48 8.89 17.88 -12.11
C GLY A 48 7.47 17.35 -12.26
N PHE A 49 6.95 16.75 -11.20
CA PHE A 49 5.58 16.22 -11.23
C PHE A 49 4.54 17.34 -11.29
N TYR A 50 4.76 18.42 -10.56
CA TYR A 50 3.82 19.53 -10.56
C TYR A 50 4.25 20.72 -11.43
N ALA A 51 5.01 20.45 -12.48
CA ALA A 51 5.50 21.51 -13.37
C ALA A 51 4.42 22.45 -13.89
N VAL A 52 3.27 21.91 -14.24
CA VAL A 52 2.15 22.72 -14.76
C VAL A 52 1.75 23.88 -13.84
N HIS A 53 2.01 23.76 -12.54
CA HIS A 53 1.65 24.82 -11.60
C HIS A 53 2.84 25.68 -11.22
N LYS A 54 3.94 25.56 -11.96
CA LYS A 54 5.13 26.34 -11.60
C LYS A 54 4.88 27.85 -11.64
N ALA A 55 3.95 28.29 -12.49
CA ALA A 55 3.62 29.71 -12.59
C ALA A 55 2.53 30.11 -11.59
N ARG A 56 2.22 29.21 -10.67
CA ARG A 56 1.20 29.45 -9.66
C ARG A 56 1.84 29.98 -8.39
N PRO A 57 1.12 30.82 -7.63
CA PRO A 57 1.70 31.35 -6.41
C PRO A 57 1.88 30.36 -5.26
N PHE A 58 1.18 29.25 -5.30
CA PHE A 58 1.28 28.25 -4.23
C PHE A 58 2.31 27.14 -4.52
N PHE A 59 2.83 27.11 -5.75
CA PHE A 59 3.79 26.10 -6.18
C PHE A 59 4.89 25.81 -5.17
N LYS A 60 5.56 26.86 -4.72
CA LYS A 60 6.64 26.70 -3.77
C LYS A 60 6.22 25.97 -2.50
N ASP A 61 5.07 26.34 -1.97
CA ASP A 61 4.59 25.70 -0.75
C ASP A 61 4.15 24.26 -1.02
N LEU A 62 3.60 24.03 -2.20
CA LEU A 62 3.14 22.72 -2.63
C LEU A 62 4.31 21.74 -2.57
N VAL A 63 5.42 22.15 -3.19
CA VAL A 63 6.64 21.34 -3.23
C VAL A 63 7.19 21.04 -1.83
N GLN A 64 7.26 22.06 -0.98
CA GLN A 64 7.78 21.85 0.38
C GLN A 64 6.93 20.85 1.15
N PHE A 65 5.62 20.95 1.00
CA PHE A 65 4.73 20.02 1.69
C PHE A 65 4.89 18.62 1.11
N MET A 66 4.98 18.54 -0.22
CA MET A 66 5.11 17.24 -0.88
C MET A 66 6.43 16.50 -0.62
N ILE A 67 7.42 17.20 -0.05
CA ILE A 67 8.68 16.56 0.28
C ILE A 67 8.90 16.57 1.79
N SER A 68 7.91 17.04 2.53
CA SER A 68 8.00 17.10 3.99
C SER A 68 7.94 15.74 4.66
N GLY A 69 7.42 14.74 3.97
CA GLY A 69 7.34 13.42 4.55
C GLY A 69 7.11 12.44 3.42
N PRO A 70 7.10 11.13 3.70
CA PRO A 70 6.86 10.18 2.60
C PRO A 70 5.40 10.19 2.13
N VAL A 71 5.17 9.66 0.93
CA VAL A 71 3.84 9.58 0.35
C VAL A 71 3.66 8.14 -0.15
N VAL A 72 2.42 7.75 -0.45
CA VAL A 72 2.14 6.44 -1.01
C VAL A 72 1.65 6.68 -2.46
N LEU A 73 2.42 6.21 -3.42
CA LEU A 73 2.10 6.34 -4.83
C LEU A 73 1.28 5.12 -5.25
N MET A 74 0.21 5.32 -6.01
CA MET A 74 -0.60 4.17 -6.43
C MET A 74 -1.19 4.35 -7.83
N VAL A 75 -1.43 3.22 -8.50
CA VAL A 75 -2.09 3.25 -9.80
C VAL A 75 -3.40 2.50 -9.54
N LEU A 76 -4.53 3.13 -9.87
CA LEU A 76 -5.85 2.52 -9.69
C LEU A 76 -6.38 2.12 -11.06
N GLU A 77 -7.03 0.97 -11.12
CA GLU A 77 -7.58 0.45 -12.37
C GLU A 77 -9.07 0.14 -12.24
N GLY A 78 -9.85 0.50 -13.27
CA GLY A 78 -11.27 0.22 -13.24
C GLY A 78 -12.01 0.94 -14.33
N GLU A 79 -13.30 0.65 -14.44
CA GLU A 79 -14.14 1.29 -15.43
C GLU A 79 -14.22 2.78 -15.13
N ASN A 80 -13.85 3.62 -16.10
CA ASN A 80 -13.92 5.08 -15.93
C ASN A 80 -13.20 5.51 -14.65
N ALA A 81 -12.05 4.89 -14.40
CA ALA A 81 -11.24 5.12 -13.22
C ALA A 81 -10.84 6.57 -12.97
N VAL A 82 -10.47 7.29 -14.02
CA VAL A 82 -10.05 8.69 -13.84
C VAL A 82 -11.15 9.53 -13.17
N LEU A 83 -12.36 9.40 -13.71
CA LEU A 83 -13.50 10.14 -13.18
C LEU A 83 -13.97 9.61 -11.82
N ALA A 84 -14.03 8.28 -11.70
CA ALA A 84 -14.45 7.65 -10.46
C ALA A 84 -13.54 8.09 -9.32
N ASN A 85 -12.23 8.15 -9.61
CA ASN A 85 -11.22 8.58 -8.63
C ASN A 85 -11.52 10.00 -8.16
N ARG A 86 -11.78 10.91 -9.09
CA ARG A 86 -12.11 12.29 -8.74
C ARG A 86 -13.38 12.40 -7.89
N ASP A 87 -14.37 11.54 -8.15
CA ASP A 87 -15.61 11.55 -7.36
C ASP A 87 -15.32 11.14 -5.92
N ILE A 88 -14.55 10.08 -5.76
CA ILE A 88 -14.20 9.56 -4.43
C ILE A 88 -13.35 10.55 -3.63
N MET A 89 -12.42 11.23 -4.31
CA MET A 89 -11.56 12.20 -3.64
C MET A 89 -12.34 13.42 -3.19
N GLY A 90 -13.26 13.88 -4.03
CA GLY A 90 -14.03 15.07 -3.69
C GLY A 90 -13.30 16.32 -4.15
N ALA A 91 -13.91 17.48 -3.94
CA ALA A 91 -13.32 18.75 -4.36
C ALA A 91 -11.92 18.98 -3.78
N THR A 92 -11.07 19.60 -4.58
CA THR A 92 -9.70 19.91 -4.18
C THR A 92 -9.68 20.70 -2.87
N ASN A 93 -10.66 21.59 -2.70
CA ASN A 93 -10.79 22.36 -1.46
C ASN A 93 -11.73 21.55 -0.58
N PRO A 94 -11.21 20.99 0.51
CA PRO A 94 -11.98 20.17 1.44
C PRO A 94 -13.29 20.81 1.87
N ALA A 95 -13.27 22.13 1.98
CA ALA A 95 -14.45 22.88 2.39
C ALA A 95 -15.59 22.66 1.40
N GLN A 96 -15.25 22.62 0.11
CA GLN A 96 -16.22 22.42 -0.92
C GLN A 96 -16.50 20.96 -1.21
N ALA A 97 -15.76 20.05 -0.57
CA ALA A 97 -15.93 18.61 -0.81
C ALA A 97 -17.25 18.00 -0.33
N ALA A 98 -17.81 17.12 -1.15
CA ALA A 98 -19.07 16.48 -0.81
C ALA A 98 -18.93 15.48 0.32
N GLU A 99 -20.06 15.16 0.94
CA GLU A 99 -20.06 14.22 2.05
C GLU A 99 -19.59 12.85 1.60
N GLY A 100 -18.88 12.16 2.48
CA GLY A 100 -18.41 10.83 2.16
C GLY A 100 -17.17 10.74 1.28
N THR A 101 -16.65 11.87 0.80
CA THR A 101 -15.46 11.86 -0.02
C THR A 101 -14.25 11.83 0.89
N ILE A 102 -13.11 11.45 0.33
CA ILE A 102 -11.87 11.37 1.11
C ILE A 102 -11.49 12.72 1.70
N ARG A 103 -11.55 13.77 0.88
CA ARG A 103 -11.18 15.09 1.37
C ARG A 103 -12.10 15.66 2.44
N LYS A 104 -13.38 15.34 2.35
CA LYS A 104 -14.32 15.83 3.35
C LYS A 104 -14.08 15.08 4.68
N ASP A 105 -13.76 13.80 4.59
CA ASP A 105 -13.55 13.00 5.79
C ASP A 105 -12.16 13.07 6.42
N PHE A 106 -11.14 13.36 5.61
CA PHE A 106 -9.76 13.35 6.12
C PHE A 106 -8.93 14.61 5.96
N ALA A 107 -9.21 15.42 4.94
CA ALA A 107 -8.40 16.62 4.67
C ALA A 107 -8.59 17.75 5.65
N THR A 108 -7.55 18.55 5.85
CA THR A 108 -7.59 19.66 6.79
C THR A 108 -7.74 21.01 6.09
N SER A 109 -7.01 21.18 4.98
CA SER A 109 -7.04 22.43 4.23
C SER A 109 -6.77 22.14 2.76
N ILE A 110 -6.83 23.18 1.93
CA ILE A 110 -6.59 22.99 0.50
C ILE A 110 -5.16 22.57 0.24
N ASP A 111 -4.24 23.01 1.10
CA ASP A 111 -2.84 22.65 0.93
C ASP A 111 -2.60 21.24 1.48
N LYS A 112 -3.21 20.94 2.61
CA LYS A 112 -3.08 19.62 3.19
C LYS A 112 -4.38 18.86 2.90
N ASN A 113 -4.58 18.52 1.63
CA ASN A 113 -5.78 17.83 1.19
C ASN A 113 -5.73 16.30 1.01
N THR A 114 -4.78 15.67 1.69
CA THR A 114 -4.65 14.22 1.75
C THR A 114 -4.35 13.37 0.52
N VAL A 115 -4.95 13.69 -0.63
CA VAL A 115 -4.72 12.93 -1.85
C VAL A 115 -4.62 13.77 -3.09
N HIS A 116 -4.04 13.16 -4.12
CA HIS A 116 -3.93 13.74 -5.43
C HIS A 116 -4.44 12.62 -6.34
N GLY A 117 -5.11 12.99 -7.43
CA GLY A 117 -5.59 12.02 -8.39
C GLY A 117 -5.44 12.69 -9.74
N SER A 118 -5.07 11.96 -10.79
CA SER A 118 -4.90 12.57 -12.12
C SER A 118 -6.21 13.26 -12.54
N ASP A 119 -6.13 14.44 -13.13
CA ASP A 119 -7.36 15.13 -13.53
C ASP A 119 -8.00 14.74 -14.85
N SER A 120 -7.27 14.01 -15.68
CA SER A 120 -7.75 13.59 -16.98
C SER A 120 -7.02 12.35 -17.41
N LEU A 121 -7.52 11.69 -18.44
CA LEU A 121 -6.87 10.50 -18.94
C LEU A 121 -5.49 10.83 -19.54
N GLU A 122 -5.37 11.95 -20.25
CA GLU A 122 -4.09 12.33 -20.84
C GLU A 122 -3.04 12.51 -19.76
N ASN A 123 -3.42 13.19 -18.68
CA ASN A 123 -2.50 13.40 -17.59
C ASN A 123 -2.16 12.12 -16.85
N ALA A 124 -3.14 11.22 -16.71
CA ALA A 124 -2.94 9.94 -16.04
C ALA A 124 -1.79 9.18 -16.66
N LYS A 125 -1.77 9.14 -18.00
CA LYS A 125 -0.72 8.43 -18.74
C LYS A 125 0.66 8.99 -18.42
N ILE A 126 0.74 10.30 -18.32
CA ILE A 126 1.99 10.96 -18.00
C ILE A 126 2.39 10.75 -16.51
N GLU A 127 1.43 10.93 -15.61
CA GLU A 127 1.70 10.78 -14.18
C GLU A 127 2.10 9.35 -13.80
N ILE A 128 1.46 8.36 -14.42
CA ILE A 128 1.79 6.96 -14.17
C ILE A 128 3.21 6.63 -14.66
N ALA A 129 3.52 7.04 -15.89
CA ALA A 129 4.85 6.79 -16.47
C ALA A 129 5.96 7.49 -15.69
N TYR A 130 5.61 8.59 -15.03
CA TYR A 130 6.57 9.35 -14.24
C TYR A 130 7.07 8.54 -13.05
N PHE A 131 6.15 7.85 -12.38
CA PHE A 131 6.45 7.07 -11.17
C PHE A 131 6.53 5.56 -11.29
N PHE A 132 6.06 4.99 -12.39
CA PHE A 132 6.07 3.53 -12.49
C PHE A 132 6.50 3.00 -13.84
N ARG A 133 7.23 1.88 -13.83
CA ARG A 133 7.61 1.19 -15.05
C ARG A 133 6.35 0.36 -15.35
N GLU A 134 6.12 -0.03 -16.60
CA GLU A 134 4.94 -0.86 -16.86
C GLU A 134 5.06 -2.20 -16.11
N THR A 135 6.30 -2.64 -15.87
CA THR A 135 6.57 -3.89 -15.15
C THR A 135 6.34 -3.77 -13.64
N GLU A 136 5.97 -2.59 -13.16
CA GLU A 136 5.67 -2.40 -11.75
C GLU A 136 4.16 -2.35 -11.53
N ILE A 137 3.40 -2.52 -12.60
CA ILE A 137 1.93 -2.45 -12.54
C ILE A 137 1.39 -3.83 -12.85
N HIS A 138 0.56 -4.36 -11.96
CA HIS A 138 0.04 -5.71 -12.12
C HIS A 138 -1.44 -5.84 -11.79
N SER A 139 -2.25 -6.16 -12.78
CA SER A 139 -3.66 -6.35 -12.56
C SER A 139 -3.86 -7.78 -12.03
N TYR A 140 -5.02 -8.03 -11.43
CA TYR A 140 -5.32 -9.34 -10.88
C TYR A 140 -6.85 -9.44 -10.80
N PRO A 141 -7.38 -10.67 -10.72
CA PRO A 141 -8.84 -10.76 -10.65
C PRO A 141 -9.38 -10.54 -9.25
N TYR A 142 -10.63 -10.10 -9.19
CA TYR A 142 -11.28 -9.95 -7.91
C TYR A 142 -12.11 -11.22 -7.77
N GLN A 143 -11.89 -11.94 -6.67
CA GLN A 143 -12.58 -13.18 -6.38
C GLN A 143 -12.39 -13.57 -4.92
N LYS A 144 -13.44 -14.12 -4.33
CA LYS A 144 -13.45 -14.53 -2.93
C LYS A 144 -13.01 -15.99 -2.72
N ALA B 1 10.78 -2.83 22.71
CA ALA B 1 11.54 -1.90 21.88
C ALA B 1 10.91 -1.77 20.49
N ILE B 2 11.18 -0.63 19.84
CA ILE B 2 10.70 -0.37 18.49
C ILE B 2 11.46 -1.32 17.57
N GLU B 3 10.73 -2.10 16.77
CA GLU B 3 11.35 -3.05 15.86
C GLU B 3 10.74 -2.86 14.48
N ARG B 4 11.37 -3.46 13.47
CA ARG B 4 10.85 -3.44 12.11
C ARG B 4 10.67 -4.90 11.72
N THR B 5 9.54 -5.19 11.08
CA THR B 5 9.27 -6.55 10.66
C THR B 5 8.69 -6.54 9.25
N LEU B 6 8.77 -7.67 8.57
CA LEU B 6 8.24 -7.74 7.22
C LEU B 6 6.86 -8.37 7.23
N SER B 7 5.98 -7.78 6.43
CA SER B 7 4.63 -8.26 6.26
C SER B 7 4.39 -8.38 4.76
N ILE B 8 3.74 -9.46 4.37
CA ILE B 8 3.41 -9.65 2.96
C ILE B 8 1.92 -9.98 2.85
N ILE B 9 1.19 -9.22 2.04
CA ILE B 9 -0.21 -9.56 1.81
C ILE B 9 -0.13 -10.49 0.59
N LYS B 10 -0.49 -11.76 0.81
CA LYS B 10 -0.45 -12.78 -0.23
C LYS B 10 -1.48 -12.57 -1.34
N PRO B 11 -1.31 -13.24 -2.50
CA PRO B 11 -2.23 -13.09 -3.62
C PRO B 11 -3.72 -13.11 -3.30
N ASP B 12 -4.12 -14.00 -2.39
CA ASP B 12 -5.53 -14.09 -2.04
C ASP B 12 -6.06 -12.82 -1.37
N GLY B 13 -5.19 -12.12 -0.63
CA GLY B 13 -5.58 -10.89 0.04
C GLY B 13 -5.94 -9.80 -0.98
N LEU B 14 -5.18 -9.73 -2.09
CA LEU B 14 -5.45 -8.75 -3.13
C LEU B 14 -6.73 -9.13 -3.86
N GLU B 15 -6.86 -10.41 -4.21
CA GLU B 15 -8.05 -10.90 -4.90
C GLU B 15 -9.34 -10.65 -4.12
N LYS B 16 -9.26 -10.66 -2.80
CA LYS B 16 -10.44 -10.43 -1.95
C LYS B 16 -10.72 -8.95 -1.81
N GLY B 17 -9.81 -8.10 -2.31
CA GLY B 17 -10.01 -6.67 -2.21
C GLY B 17 -9.97 -6.14 -0.78
N VAL B 18 -9.11 -6.71 0.04
CA VAL B 18 -9.01 -6.26 1.43
C VAL B 18 -7.65 -5.70 1.80
N ILE B 19 -6.91 -5.18 0.82
CA ILE B 19 -5.62 -4.59 1.10
C ILE B 19 -5.75 -3.49 2.17
N GLY B 20 -6.69 -2.56 1.94
CA GLY B 20 -6.92 -1.47 2.87
C GLY B 20 -7.31 -1.94 4.27
N LYS B 21 -8.18 -2.94 4.35
CA LYS B 21 -8.61 -3.46 5.65
C LYS B 21 -7.46 -4.07 6.44
N ILE B 22 -6.57 -4.78 5.75
CA ILE B 22 -5.42 -5.39 6.41
C ILE B 22 -4.46 -4.32 6.94
N ILE B 23 -4.13 -3.34 6.10
CA ILE B 23 -3.26 -2.26 6.51
C ILE B 23 -3.86 -1.50 7.71
N SER B 24 -5.18 -1.28 7.70
CA SER B 24 -5.84 -0.58 8.81
C SER B 24 -5.72 -1.35 10.12
N ARG B 25 -5.68 -2.68 10.05
CA ARG B 25 -5.55 -3.53 11.24
C ARG B 25 -4.22 -3.19 11.91
N PHE B 26 -3.19 -3.04 11.10
CA PHE B 26 -1.86 -2.71 11.60
C PHE B 26 -1.82 -1.29 12.14
N GLU B 27 -2.29 -0.34 11.34
CA GLU B 27 -2.26 1.07 11.73
C GLU B 27 -2.97 1.34 13.06
N GLU B 28 -4.11 0.72 13.24
CA GLU B 28 -4.89 0.90 14.45
C GLU B 28 -4.27 0.22 15.68
N LYS B 29 -3.34 -0.71 15.46
CA LYS B 29 -2.67 -1.37 16.57
C LYS B 29 -1.29 -0.78 16.79
N GLY B 30 -0.99 0.32 16.12
CA GLY B 30 0.30 0.96 16.29
C GLY B 30 1.47 0.41 15.47
N LEU B 31 1.19 -0.43 14.47
CA LEU B 31 2.26 -0.96 13.61
C LEU B 31 2.23 -0.10 12.34
N LYS B 32 3.16 0.85 12.29
CA LYS B 32 3.27 1.82 11.22
C LYS B 32 3.92 1.32 9.92
N PRO B 33 3.19 1.36 8.80
CA PRO B 33 3.78 0.91 7.52
C PRO B 33 4.85 1.93 7.10
N VAL B 34 6.11 1.51 7.09
CA VAL B 34 7.18 2.42 6.70
C VAL B 34 7.82 2.13 5.34
N ALA B 35 7.35 1.08 4.68
CA ALA B 35 7.80 0.71 3.35
C ALA B 35 6.64 -0.10 2.77
N ILE B 36 6.29 0.13 1.51
CA ILE B 36 5.20 -0.60 0.85
C ILE B 36 5.51 -0.70 -0.63
N ARG B 37 5.33 -1.88 -1.20
CA ARG B 37 5.52 -2.06 -2.64
C ARG B 37 4.74 -3.25 -3.18
N LEU B 38 3.90 -3.00 -4.17
CA LEU B 38 3.15 -4.08 -4.79
C LEU B 38 4.12 -4.67 -5.80
N GLN B 39 4.24 -6.00 -5.82
CA GLN B 39 5.17 -6.66 -6.71
C GLN B 39 4.69 -8.06 -7.09
N HIS B 40 5.07 -8.51 -8.28
CA HIS B 40 4.75 -9.85 -8.71
C HIS B 40 6.07 -10.60 -8.60
N LEU B 41 6.15 -11.53 -7.67
CA LEU B 41 7.38 -12.28 -7.47
C LEU B 41 7.62 -13.29 -8.59
N SER B 42 8.90 -13.50 -8.91
CA SER B 42 9.31 -14.48 -9.92
C SER B 42 9.52 -15.76 -9.11
N GLN B 43 9.67 -16.90 -9.77
CA GLN B 43 9.89 -18.14 -9.04
C GLN B 43 11.18 -18.13 -8.23
N ALA B 44 12.23 -17.56 -8.79
CA ALA B 44 13.51 -17.45 -8.09
C ALA B 44 13.38 -16.61 -6.81
N GLN B 45 12.63 -15.51 -6.87
CA GLN B 45 12.45 -14.66 -5.70
C GLN B 45 11.70 -15.38 -4.58
N ALA B 46 10.63 -16.09 -4.93
CA ALA B 46 9.84 -16.83 -3.96
C ALA B 46 10.64 -17.96 -3.33
N GLU B 47 11.38 -18.68 -4.17
CA GLU B 47 12.21 -19.78 -3.69
C GLU B 47 13.32 -19.27 -2.75
N GLY B 48 14.02 -18.19 -3.14
CA GLY B 48 15.07 -17.66 -2.29
C GLY B 48 14.53 -17.08 -0.98
N PHE B 49 13.34 -16.49 -1.04
CA PHE B 49 12.73 -15.90 0.15
C PHE B 49 12.35 -16.97 1.17
N TYR B 50 11.82 -18.09 0.69
CA TYR B 50 11.38 -19.18 1.55
C TYR B 50 12.38 -20.31 1.63
N ALA B 51 13.66 -20.01 1.49
CA ALA B 51 14.72 -21.00 1.54
C ALA B 51 14.63 -21.90 2.77
N VAL B 52 14.27 -21.34 3.92
CA VAL B 52 14.15 -22.11 5.15
C VAL B 52 13.15 -23.26 5.09
N HIS B 53 12.26 -23.25 4.10
CA HIS B 53 11.27 -24.30 3.99
C HIS B 53 11.56 -25.23 2.82
N LYS B 54 12.72 -25.09 2.19
CA LYS B 54 13.04 -25.91 1.02
C LYS B 54 12.98 -27.43 1.23
N ALA B 55 13.18 -27.88 2.46
CA ALA B 55 13.12 -29.31 2.73
C ALA B 55 11.71 -29.78 3.06
N ARG B 56 10.81 -28.84 3.34
CA ARG B 56 9.42 -29.16 3.70
C ARG B 56 8.62 -29.67 2.52
N PRO B 57 7.60 -30.50 2.79
CA PRO B 57 6.82 -31.02 1.66
C PRO B 57 5.87 -30.01 0.99
N PHE B 58 5.55 -28.91 1.66
CA PHE B 58 4.66 -27.91 1.08
C PHE B 58 5.42 -26.81 0.30
N PHE B 59 6.74 -26.90 0.26
CA PHE B 59 7.56 -25.90 -0.41
C PHE B 59 7.13 -25.57 -1.84
N LYS B 60 7.01 -26.59 -2.68
CA LYS B 60 6.63 -26.39 -4.07
C LYS B 60 5.28 -25.67 -4.23
N ASP B 61 4.30 -26.08 -3.46
CA ASP B 61 2.98 -25.48 -3.52
C ASP B 61 3.02 -24.04 -3.05
N LEU B 62 3.76 -23.78 -1.98
CA LEU B 62 3.90 -22.44 -1.42
C LEU B 62 4.46 -21.48 -2.47
N VAL B 63 5.50 -21.93 -3.16
CA VAL B 63 6.15 -21.14 -4.21
C VAL B 63 5.21 -20.88 -5.38
N GLN B 64 4.47 -21.90 -5.81
CA GLN B 64 3.55 -21.71 -6.92
C GLN B 64 2.44 -20.74 -6.58
N PHE B 65 1.92 -20.81 -5.36
CA PHE B 65 0.86 -19.91 -4.93
C PHE B 65 1.41 -18.49 -4.80
N MET B 66 2.61 -18.37 -4.23
CA MET B 66 3.23 -17.08 -4.03
C MET B 66 3.56 -16.32 -5.31
N ILE B 67 3.59 -17.03 -6.44
CA ILE B 67 3.85 -16.37 -7.72
C ILE B 67 2.60 -16.40 -8.59
N SER B 68 1.49 -16.88 -8.04
CA SER B 68 0.24 -16.97 -8.79
C SER B 68 -0.32 -15.61 -9.17
N GLY B 69 0.02 -14.60 -8.38
CA GLY B 69 -0.46 -13.26 -8.68
C GLY B 69 0.41 -12.30 -7.89
N PRO B 70 0.16 -10.98 -8.00
CA PRO B 70 0.99 -10.04 -7.24
C PRO B 70 0.71 -10.05 -5.72
N VAL B 71 1.67 -9.54 -4.96
CA VAL B 71 1.56 -9.45 -3.51
C VAL B 71 1.91 -8.01 -3.10
N VAL B 72 1.60 -7.65 -1.85
CA VAL B 72 1.98 -6.34 -1.35
C VAL B 72 3.01 -6.60 -0.27
N LEU B 73 4.23 -6.08 -0.47
CA LEU B 73 5.33 -6.23 0.49
C LEU B 73 5.31 -5.00 1.40
N MET B 74 5.50 -5.19 2.70
CA MET B 74 5.50 -4.05 3.62
C MET B 74 6.47 -4.21 4.77
N VAL B 75 6.95 -3.11 5.30
CA VAL B 75 7.80 -3.13 6.48
C VAL B 75 6.97 -2.36 7.51
N LEU B 76 6.72 -3.00 8.64
CA LEU B 76 5.93 -2.42 9.72
C LEU B 76 6.87 -2.06 10.85
N GLU B 77 6.69 -0.87 11.41
CA GLU B 77 7.54 -0.41 12.49
C GLU B 77 6.71 -0.14 13.73
N GLY B 78 7.19 -0.59 14.89
CA GLY B 78 6.46 -0.36 16.11
C GLY B 78 6.99 -1.12 17.31
N GLU B 79 6.37 -0.86 18.46
CA GLU B 79 6.74 -1.49 19.71
C GLU B 79 6.53 -2.99 19.61
N ASN B 80 7.58 -3.76 19.84
CA ASN B 80 7.51 -5.22 19.80
C ASN B 80 6.85 -5.73 18.49
N ALA B 81 7.12 -5.04 17.38
CA ALA B 81 6.54 -5.35 16.07
C ALA B 81 6.56 -6.79 15.59
N VAL B 82 7.67 -7.50 15.78
CA VAL B 82 7.75 -8.88 15.31
C VAL B 82 6.65 -9.73 15.92
N LEU B 83 6.51 -9.67 17.25
CA LEU B 83 5.48 -10.45 17.95
C LEU B 83 4.08 -9.87 17.74
N ALA B 84 3.95 -8.55 17.81
CA ALA B 84 2.64 -7.91 17.65
C ALA B 84 2.04 -8.26 16.30
N ASN B 85 2.86 -8.17 15.25
CA ASN B 85 2.43 -8.50 13.89
C ASN B 85 1.86 -9.92 13.84
N ARG B 86 2.62 -10.91 14.34
CA ARG B 86 2.18 -12.30 14.32
C ARG B 86 0.89 -12.52 15.10
N ASP B 87 0.72 -11.79 16.19
CA ASP B 87 -0.50 -11.91 16.98
C ASP B 87 -1.70 -11.44 16.16
N ILE B 88 -1.55 -10.28 15.53
CA ILE B 88 -2.60 -9.69 14.70
C ILE B 88 -2.95 -10.61 13.51
N MET B 89 -1.95 -11.24 12.94
CA MET B 89 -2.18 -12.15 11.81
C MET B 89 -2.99 -13.36 12.26
N GLY B 90 -2.63 -13.92 13.41
CA GLY B 90 -3.33 -15.09 13.92
C GLY B 90 -2.62 -16.37 13.50
N ALA B 91 -3.12 -17.50 13.97
CA ALA B 91 -2.55 -18.80 13.67
C ALA B 91 -2.36 -19.02 12.18
N THR B 92 -1.28 -19.73 11.85
CA THR B 92 -0.98 -20.03 10.46
C THR B 92 -2.14 -20.76 9.81
N ASN B 93 -2.74 -21.68 10.57
CA ASN B 93 -3.91 -22.41 10.10
C ASN B 93 -5.13 -21.60 10.53
N PRO B 94 -5.86 -21.04 9.55
CA PRO B 94 -7.05 -20.22 9.81
C PRO B 94 -8.02 -20.89 10.78
N ALA B 95 -8.12 -22.21 10.69
CA ALA B 95 -9.00 -22.99 11.55
C ALA B 95 -8.72 -22.78 13.05
N GLN B 96 -7.45 -22.58 13.39
CA GLN B 96 -7.07 -22.37 14.78
C GLN B 96 -6.87 -20.91 15.13
N ALA B 97 -7.09 -20.01 14.16
CA ALA B 97 -6.89 -18.58 14.37
C ALA B 97 -7.91 -17.94 15.30
N ALA B 98 -7.44 -17.06 16.19
CA ALA B 98 -8.31 -16.36 17.13
C ALA B 98 -9.24 -15.39 16.44
N GLU B 99 -10.38 -15.12 17.06
CA GLU B 99 -11.35 -14.19 16.50
C GLU B 99 -10.70 -12.81 16.47
N GLY B 100 -10.99 -12.05 15.41
CA GLY B 100 -10.43 -10.72 15.29
C GLY B 100 -9.08 -10.66 14.60
N THR B 101 -8.52 -11.83 14.27
CA THR B 101 -7.24 -11.85 13.58
C THR B 101 -7.48 -11.78 12.08
N ILE B 102 -6.45 -11.32 11.35
CA ILE B 102 -6.53 -11.21 9.90
C ILE B 102 -6.86 -12.56 9.27
N ARG B 103 -6.16 -13.61 9.69
CA ARG B 103 -6.41 -14.92 9.13
C ARG B 103 -7.77 -15.52 9.44
N LYS B 104 -8.31 -15.25 10.62
CA LYS B 104 -9.63 -15.78 10.95
C LYS B 104 -10.65 -15.07 10.07
N ASP B 105 -10.49 -13.76 9.91
CA ASP B 105 -11.43 -12.98 9.12
C ASP B 105 -11.33 -13.11 7.62
N PHE B 106 -10.14 -13.34 7.08
CA PHE B 106 -10.00 -13.38 5.63
C PHE B 106 -9.40 -14.62 4.98
N ALA B 107 -8.68 -15.45 5.73
CA ALA B 107 -8.03 -16.61 5.13
C ALA B 107 -8.97 -17.76 4.76
N THR B 108 -8.62 -18.46 3.69
CA THR B 108 -9.40 -19.58 3.17
C THR B 108 -8.89 -20.93 3.71
N SER B 109 -7.57 -21.08 3.77
CA SER B 109 -6.96 -22.31 4.24
C SER B 109 -5.52 -22.03 4.66
N ILE B 110 -4.80 -23.07 5.09
CA ILE B 110 -3.42 -22.91 5.52
C ILE B 110 -2.53 -22.51 4.33
N ASP B 111 -2.90 -22.96 3.15
CA ASP B 111 -2.15 -22.63 1.93
C ASP B 111 -2.43 -21.19 1.52
N LYS B 112 -3.71 -20.83 1.46
CA LYS B 112 -4.09 -19.47 1.12
C LYS B 112 -4.49 -18.76 2.41
N ASN B 113 -3.47 -18.39 3.19
CA ASN B 113 -3.70 -17.74 4.47
C ASN B 113 -3.47 -16.23 4.54
N THR B 114 -3.61 -15.59 3.38
CA THR B 114 -3.59 -14.14 3.28
C THR B 114 -2.37 -13.29 3.63
N VAL B 115 -1.63 -13.66 4.68
CA VAL B 115 -0.48 -12.87 5.08
C VAL B 115 0.73 -13.68 5.54
N HIS B 116 1.88 -13.03 5.52
CA HIS B 116 3.11 -13.60 6.03
C HIS B 116 3.67 -12.51 6.95
N GLY B 117 4.34 -12.93 8.02
CA GLY B 117 4.97 -11.98 8.92
C GLY B 117 6.26 -12.66 9.33
N SER B 118 7.35 -11.91 9.49
CA SER B 118 8.64 -12.50 9.90
C SER B 118 8.44 -13.19 11.25
N ASP B 119 8.96 -14.40 11.39
CA ASP B 119 8.78 -15.12 12.65
C ASP B 119 9.71 -14.72 13.81
N SER B 120 10.79 -14.00 13.51
CA SER B 120 11.73 -13.57 14.54
C SER B 120 12.45 -12.33 14.09
N LEU B 121 13.07 -11.64 15.03
CA LEU B 121 13.83 -10.43 14.75
C LEU B 121 15.04 -10.72 13.84
N GLU B 122 15.64 -11.90 13.97
CA GLU B 122 16.78 -12.29 13.16
C GLU B 122 16.32 -12.49 11.72
N ASN B 123 15.17 -13.13 11.58
CA ASN B 123 14.60 -13.36 10.25
C ASN B 123 14.07 -12.08 9.64
N ALA B 124 13.53 -11.18 10.47
CA ALA B 124 13.02 -9.90 10.01
C ALA B 124 14.12 -9.12 9.29
N LYS B 125 15.31 -9.05 9.89
CA LYS B 125 16.45 -8.34 9.30
C LYS B 125 16.75 -8.86 7.90
N ILE B 126 16.75 -10.18 7.76
CA ILE B 126 17.03 -10.83 6.51
C ILE B 126 15.92 -10.61 5.46
N GLU B 127 14.67 -10.81 5.88
CA GLU B 127 13.52 -10.65 5.00
C GLU B 127 13.35 -9.23 4.47
N ILE B 128 13.61 -8.26 5.33
CA ILE B 128 13.50 -6.85 4.95
C ILE B 128 14.56 -6.51 3.89
N ALA B 129 15.82 -6.88 4.17
CA ALA B 129 16.92 -6.60 3.24
C ALA B 129 16.72 -7.33 1.91
N TYR B 130 15.97 -8.42 1.94
CA TYR B 130 15.73 -9.18 0.74
C TYR B 130 14.90 -8.39 -0.26
N PHE B 131 13.92 -7.63 0.25
CA PHE B 131 12.99 -6.88 -0.58
C PHE B 131 13.07 -5.36 -0.56
N PHE B 132 13.83 -4.80 0.35
CA PHE B 132 13.91 -3.35 0.44
C PHE B 132 15.32 -2.82 0.65
N ARG B 133 15.63 -1.71 -0.02
CA ARG B 133 16.91 -1.01 0.18
C ARG B 133 16.61 -0.20 1.46
N GLU B 134 17.64 0.19 2.22
CA GLU B 134 17.37 1.02 3.40
C GLU B 134 16.73 2.34 2.96
N THR B 135 17.10 2.80 1.76
CA THR B 135 16.57 4.05 1.19
C THR B 135 15.10 3.96 0.73
N GLU B 136 14.50 2.78 0.81
CA GLU B 136 13.09 2.62 0.45
C GLU B 136 12.20 2.55 1.71
N ILE B 137 12.83 2.66 2.89
CA ILE B 137 12.10 2.58 4.16
C ILE B 137 12.11 3.96 4.78
N HIS B 138 10.93 4.49 5.10
CA HIS B 138 10.85 5.82 5.66
C HIS B 138 9.91 5.94 6.83
N SER B 139 10.47 6.24 7.99
CA SER B 139 9.66 6.45 9.16
C SER B 139 9.13 7.90 9.09
N TYR B 140 8.01 8.15 9.75
CA TYR B 140 7.38 9.45 9.79
C TYR B 140 6.65 9.52 11.14
N PRO B 141 6.45 10.73 11.68
CA PRO B 141 5.75 10.76 12.97
C PRO B 141 4.23 10.74 12.80
N TYR B 142 3.54 10.18 13.77
CA TYR B 142 2.10 10.18 13.74
C TYR B 142 1.62 11.48 14.39
N GLN B 143 0.55 12.04 13.87
CA GLN B 143 -0.03 13.27 14.39
C GLN B 143 -1.44 12.94 14.86
P CMP C . -3.17 18.43 -6.18
P CMP C . -3.18 18.46 -6.23
O1P CMP C . -2.03 17.75 -5.52
O1P CMP C . -2.06 17.74 -5.56
O2P CMP C . -4.11 17.61 -6.98
O2P CMP C . -4.15 17.67 -7.01
O5' CMP C . -2.52 19.45 -7.31
O5' CMP C . -2.50 19.46 -7.34
C5' CMP C . -2.01 20.77 -6.98
C5' CMP C . -2.01 20.77 -7.02
C4' CMP C . -2.24 21.09 -5.51
C4' CMP C . -2.23 21.12 -5.55
O4' CMP C . -2.03 22.42 -5.13
O4' CMP C . -2.01 22.47 -5.19
C3' CMP C . -3.70 20.84 -5.18
C3' CMP C . -3.67 20.86 -5.20
O3' CMP C . -4.02 19.41 -5.19
O3' CMP C . -3.99 19.45 -5.23
C2' CMP C . -3.86 21.53 -3.88
C2' CMP C . -3.80 21.55 -3.89
O2' CMP C . -3.54 20.65 -2.84
O2' CMP C . -3.37 20.69 -2.86
C1' CMP C . -2.79 22.63 -3.95
C1' CMP C . -2.82 22.72 -4.03
N9 CMP C . -3.31 24.02 -3.98
N9 CMP C . -3.50 24.02 -4.20
C8 CMP C . -3.11 25.03 -3.05
C8 CMP C . -4.35 24.41 -5.20
N7 CMP C . -3.79 26.13 -3.28
N7 CMP C . -4.80 25.63 -5.08
C5 CMP C . -4.46 25.84 -4.46
C5 CMP C . -4.19 26.10 -3.93
C6 CMP C . -5.35 26.61 -5.24
C6 CMP C . -4.26 27.34 -3.28
N6 CMP C . -5.58 27.90 -4.98
N6 CMP C . -5.06 28.30 -3.68
N1 CMP C . -5.94 26.02 -6.30
N1 CMP C . -3.50 27.49 -2.21
C2 CMP C . -5.57 24.77 -6.60
C2 CMP C . -2.78 26.46 -1.77
N3 CMP C . -4.67 23.98 -6.03
N3 CMP C . -2.63 25.25 -2.27
C4 CMP C . -4.17 24.58 -4.90
C4 CMP C . -3.39 25.13 -3.39
P CMP D . 4.08 -18.29 5.80
P CMP D . 4.12 -18.29 5.77
O1P CMP D . 4.13 -17.60 4.49
O1P CMP D . 4.08 -17.61 4.46
O2P CMP D . 4.21 -17.47 7.02
O2P CMP D . 4.30 -17.46 6.98
O5' CMP D . 5.36 -19.34 5.74
O5' CMP D . 5.41 -19.31 5.70
C5' CMP D . 5.31 -20.55 4.97
C5' CMP D . 5.34 -20.60 5.06
C4' CMP D . 3.90 -20.91 4.57
C4' CMP D . 3.93 -20.96 4.64
O4' CMP D . 3.72 -22.27 4.19
O4' CMP D . 3.73 -22.33 4.31
C3' CMP D . 2.93 -20.73 5.73
C3' CMP D . 2.98 -20.71 5.79
O3' CMP D . 2.78 -19.32 5.99
O3' CMP D . 2.85 -19.29 6.03
C2' CMP D . 1.69 -21.46 5.24
C2' CMP D . 1.72 -21.41 5.29
O2' CMP D . 0.97 -20.65 4.34
O2' CMP D . 1.03 -20.56 4.39
C1' CMP D . 2.33 -22.56 4.37
C1' CMP D . 2.32 -22.60 4.51
N9 CMP D . 2.12 -23.94 4.86
N9 CMP D . 2.12 -23.88 5.20
C8 CMP D . 1.47 -24.96 4.23
C8 CMP D . 2.55 -24.26 6.45
N7 CMP D . 1.39 -26.05 4.93
N7 CMP D . 2.27 -25.49 6.75
C5 CMP D . 2.03 -25.72 6.12
C5 CMP D . 1.63 -25.98 5.62
C6 CMP D . 2.18 -26.40 7.33
C6 CMP D . 0.99 -27.18 5.37
N6 CMP D . 1.54 -27.52 7.58
N6 CMP D . 0.83 -28.09 6.33
N1 CMP D . 2.91 -25.82 8.30
N1 CMP D . 0.42 -27.35 4.17
C2 CMP D . 3.32 -24.58 8.10
C2 CMP D . 0.38 -26.32 3.33
N3 CMP D . 3.13 -23.77 7.06
N3 CMP D . 0.87 -25.10 3.48
C4 CMP D . 2.47 -24.42 6.09
C4 CMP D . 1.52 -25.00 4.66
#